data_6FXI
#
_entry.id   6FXI
#
_cell.length_a   51.600
_cell.length_b   86.600
_cell.length_c   57.460
_cell.angle_alpha   90.00
_cell.angle_beta   104.98
_cell.angle_gamma   90.00
#
_symmetry.space_group_name_H-M   'P 1 21 1'
#
loop_
_entity.id
_entity.type
_entity.pdbx_description
1 polymer 'Poly [ADP-ribose] polymerase 10'
2 non-polymer 3-aminobenzamide
3 non-polymer 'CITRIC ACID'
4 non-polymer GLYCEROL
5 water water
#
_entity_poly.entity_id   1
_entity_poly.type   'polypeptide(L)'
_entity_poly.pdbx_seq_one_letter_code
;SMNLERLAENTGEFQEVVRAFYDTLDAARSSIRVVRVERVSHPLLQQQYELYRERLLQRCERRPVEQVLYHGTTAPAVPD
ICAHGFNRSFCGRNATVYGKGVYFARRASLSVQDRYSPPNADGHKAVFVARVLTGDYGQGRRGLRAPPLRGPGHVLLRYD
SAVDCICQPSIFVIFHDTQALPTHLITCEHV
;
_entity_poly.pdbx_strand_id   A,B
#
loop_
_chem_comp.id
_chem_comp.type
_chem_comp.name
_chem_comp.formula
3AB non-polymer 3-aminobenzamide 'C7 H8 N2 O'
CIT non-polymer 'CITRIC ACID' 'C6 H8 O7'
GOL non-polymer GLYCEROL 'C3 H8 O3'
#
# COMPACT_ATOMS: atom_id res chain seq x y z
N MET A 2 17.45 -12.84 6.42
CA MET A 2 17.96 -11.59 6.99
C MET A 2 17.66 -10.39 6.07
N ASN A 3 16.99 -9.36 6.65
CA ASN A 3 16.64 -8.15 5.92
C ASN A 3 17.69 -7.06 6.10
N LEU A 4 18.69 -7.29 6.99
CA LEU A 4 19.78 -6.34 7.27
C LEU A 4 21.14 -7.04 7.22
N GLU A 5 22.01 -6.52 6.39
CA GLU A 5 23.37 -6.97 6.21
C GLU A 5 24.26 -5.78 6.54
N ARG A 6 25.21 -5.95 7.46
CA ARG A 6 26.13 -4.90 7.84
C ARG A 6 27.07 -4.63 6.65
N LEU A 7 27.23 -3.34 6.28
CA LEU A 7 28.12 -2.89 5.22
C LEU A 7 29.48 -2.62 5.82
N ALA A 8 30.54 -3.09 5.14
CA ALA A 8 31.93 -2.89 5.54
C ALA A 8 32.42 -1.54 5.06
N GLU A 9 33.19 -0.85 5.91
CA GLU A 9 33.76 0.48 5.68
C GLU A 9 34.66 0.56 4.43
N ASN A 10 35.34 -0.55 4.06
CA ASN A 10 36.25 -0.64 2.90
C ASN A 10 35.52 -0.68 1.55
N THR A 11 34.20 -0.53 1.55
CA THR A 11 33.42 -0.54 0.32
C THR A 11 33.01 0.86 -0.12
N GLY A 12 32.82 1.04 -1.42
CA GLY A 12 32.39 2.29 -2.03
C GLY A 12 30.96 2.63 -1.65
N GLU A 13 30.11 1.59 -1.52
CA GLU A 13 28.70 1.69 -1.13
C GLU A 13 28.58 2.36 0.23
N PHE A 14 29.36 1.91 1.23
CA PHE A 14 29.39 2.49 2.57
C PHE A 14 29.76 3.98 2.54
N GLN A 15 30.84 4.30 1.82
CA GLN A 15 31.41 5.64 1.74
C GLN A 15 30.51 6.63 1.00
N GLU A 16 29.64 6.13 0.12
CA GLU A 16 28.69 6.97 -0.63
C GLU A 16 27.50 7.34 0.26
N VAL A 17 27.05 6.39 1.09
CA VAL A 17 25.92 6.57 2.01
C VAL A 17 26.30 7.60 3.05
N VAL A 18 27.44 7.40 3.68
CA VAL A 18 28.02 8.23 4.72
C VAL A 18 28.35 9.65 4.18
N ARG A 19 28.99 9.78 2.99
CA ARG A 19 29.28 11.09 2.39
C ARG A 19 27.98 11.88 2.12
N ALA A 20 26.95 11.21 1.55
CA ALA A 20 25.66 11.84 1.25
C ALA A 20 24.91 12.23 2.53
N PHE A 21 25.12 11.44 3.61
CA PHE A 21 24.51 11.70 4.92
C PHE A 21 25.08 12.99 5.52
N TYR A 22 26.40 13.07 5.67
CA TYR A 22 27.11 14.22 6.25
C TYR A 22 26.98 15.52 5.41
N ASP A 23 26.87 15.41 4.07
CA ASP A 23 26.72 16.57 3.16
C ASP A 23 25.42 17.35 3.42
N THR A 24 24.36 16.62 3.82
CA THR A 24 23.02 17.13 4.09
C THR A 24 22.75 17.28 5.62
N LEU A 25 23.77 17.07 6.45
CA LEU A 25 23.66 17.15 7.92
C LEU A 25 23.67 18.59 8.44
N ASP A 26 24.06 19.56 7.58
CA ASP A 26 24.06 21.01 7.82
C ASP A 26 24.79 21.39 9.14
N ALA A 27 24.10 22.02 10.13
CA ALA A 27 24.75 22.45 11.41
C ALA A 27 25.09 21.26 12.34
N ALA A 28 24.47 20.09 12.10
CA ALA A 28 24.64 18.87 12.87
C ALA A 28 25.87 18.03 12.43
N ARG A 29 26.51 18.40 11.30
CA ARG A 29 27.67 17.73 10.67
C ARG A 29 28.76 17.34 11.70
N SER A 30 28.99 18.23 12.67
CA SER A 30 29.98 18.14 13.75
C SER A 30 29.46 17.41 14.99
N SER A 31 28.12 17.35 15.19
CA SER A 31 27.46 16.78 16.38
C SER A 31 27.00 15.32 16.21
N ILE A 32 27.04 14.77 14.97
CA ILE A 32 26.59 13.40 14.69
C ILE A 32 27.73 12.53 14.13
N ARG A 33 27.86 11.29 14.68
CA ARG A 33 28.80 10.25 14.26
C ARG A 33 28.04 9.01 13.71
N VAL A 34 28.40 8.53 12.51
CA VAL A 34 27.83 7.33 11.93
C VAL A 34 28.47 6.15 12.64
N VAL A 35 27.64 5.33 13.30
CA VAL A 35 28.03 4.15 14.08
C VAL A 35 28.15 2.90 13.16
N ARG A 36 27.12 2.65 12.37
CA ARG A 36 26.87 1.47 11.53
C ARG A 36 26.09 1.86 10.28
N VAL A 37 26.33 1.14 9.17
CA VAL A 37 25.54 1.26 7.93
C VAL A 37 25.16 -0.19 7.55
N GLU A 38 23.90 -0.41 7.25
CA GLU A 38 23.38 -1.72 6.91
C GLU A 38 22.51 -1.65 5.65
N ARG A 39 22.65 -2.64 4.76
CA ARG A 39 21.86 -2.74 3.54
C ARG A 39 20.58 -3.38 3.91
N VAL A 40 19.44 -2.83 3.41
CA VAL A 40 18.11 -3.41 3.63
C VAL A 40 17.79 -4.35 2.44
N SER A 41 17.41 -5.61 2.74
CA SER A 41 17.05 -6.60 1.71
C SER A 41 15.58 -7.01 1.81
N HIS A 42 14.81 -6.67 0.78
CA HIS A 42 13.40 -7.01 0.63
C HIS A 42 13.14 -7.08 -0.87
N PRO A 43 13.55 -8.22 -1.51
CA PRO A 43 13.46 -8.35 -2.98
C PRO A 43 12.07 -8.15 -3.58
N LEU A 44 10.99 -8.65 -2.94
CA LEU A 44 9.63 -8.48 -3.47
C LEU A 44 9.29 -7.01 -3.63
N LEU A 45 9.59 -6.18 -2.62
CA LEU A 45 9.34 -4.73 -2.68
C LEU A 45 10.20 -4.04 -3.72
N GLN A 46 11.48 -4.43 -3.82
CA GLN A 46 12.44 -3.87 -4.76
C GLN A 46 11.95 -4.00 -6.20
N GLN A 47 11.55 -5.24 -6.56
CA GLN A 47 11.02 -5.65 -7.84
C GLN A 47 9.68 -4.93 -8.22
N GLN A 48 8.82 -4.66 -7.20
CA GLN A 48 7.55 -3.96 -7.32
C GLN A 48 7.80 -2.46 -7.46
N TYR A 49 8.76 -1.95 -6.69
CA TYR A 49 9.22 -0.56 -6.75
C TYR A 49 9.77 -0.29 -8.18
N GLU A 50 10.53 -1.24 -8.73
CA GLU A 50 11.18 -1.17 -10.03
C GLU A 50 10.21 -1.02 -11.16
N LEU A 51 9.03 -1.68 -11.05
CA LEU A 51 7.94 -1.59 -12.05
C LEU A 51 7.27 -0.23 -11.98
N TYR A 52 7.04 0.24 -10.76
CA TYR A 52 6.43 1.53 -10.42
C TYR A 52 7.30 2.66 -11.03
N ARG A 53 8.62 2.54 -10.83
CA ARG A 53 9.63 3.45 -11.33
C ARG A 53 9.55 3.61 -12.85
N GLU A 54 9.46 2.51 -13.57
CA GLU A 54 9.37 2.46 -15.04
C GLU A 54 8.12 3.14 -15.57
N ARG A 55 6.96 2.94 -14.90
CA ARG A 55 5.69 3.57 -15.30
C ARG A 55 5.75 5.09 -15.08
N LEU A 56 6.45 5.56 -14.02
CA LEU A 56 6.58 7.00 -13.74
C LEU A 56 7.53 7.66 -14.76
N LEU A 57 8.55 6.91 -15.26
CA LEU A 57 9.51 7.41 -16.26
C LEU A 57 8.82 7.65 -17.59
N GLN A 58 7.76 6.88 -17.89
CA GLN A 58 6.98 7.00 -19.13
C GLN A 58 6.08 8.24 -19.11
N ARG A 59 5.40 8.41 -17.97
CA ARG A 59 4.32 9.30 -17.59
C ARG A 59 4.65 10.73 -17.10
N CYS A 60 5.55 10.88 -16.10
CA CYS A 60 5.80 12.14 -15.41
C CYS A 60 6.43 13.23 -16.27
N GLU A 61 5.92 14.46 -16.03
CA GLU A 61 6.30 15.74 -16.60
C GLU A 61 7.50 16.34 -15.83
N ARG A 62 7.77 15.79 -14.63
CA ARG A 62 8.83 16.25 -13.73
C ARG A 62 10.02 15.27 -13.69
N ARG A 63 11.25 15.82 -13.79
CA ARG A 63 12.51 15.08 -13.67
C ARG A 63 13.36 15.60 -12.50
N PRO A 64 14.00 14.73 -11.67
CA PRO A 64 13.98 13.25 -11.71
C PRO A 64 12.67 12.70 -11.14
N VAL A 65 12.34 11.48 -11.52
CA VAL A 65 11.14 10.81 -11.07
C VAL A 65 11.36 10.25 -9.64
N GLU A 66 12.64 9.98 -9.32
CA GLU A 66 13.10 9.37 -8.09
C GLU A 66 14.16 10.22 -7.36
N GLN A 67 14.03 10.28 -6.01
CA GLN A 67 14.97 10.98 -5.17
C GLN A 67 15.48 10.08 -4.03
N VAL A 68 16.72 10.31 -3.59
CA VAL A 68 17.24 9.58 -2.43
C VAL A 68 16.94 10.47 -1.22
N LEU A 69 15.97 10.04 -0.39
CA LEU A 69 15.49 10.78 0.78
C LEU A 69 15.73 9.99 2.07
N TYR A 70 15.56 10.67 3.21
CA TYR A 70 15.81 10.12 4.55
C TYR A 70 14.53 10.00 5.35
N HIS A 71 14.51 9.00 6.25
CA HIS A 71 13.41 8.79 7.14
C HIS A 71 13.93 8.33 8.52
N GLY A 72 13.88 9.25 9.49
CA GLY A 72 14.23 8.96 10.87
C GLY A 72 13.08 8.25 11.53
N THR A 73 13.36 7.16 12.25
CA THR A 73 12.37 6.33 12.91
C THR A 73 12.80 5.94 14.34
N THR A 74 11.94 5.17 15.06
CA THR A 74 12.26 4.66 16.40
C THR A 74 12.95 3.30 16.25
N ALA A 75 13.69 2.85 17.28
CA ALA A 75 14.35 1.55 17.26
C ALA A 75 13.31 0.38 17.04
N PRO A 76 12.14 0.31 17.75
CA PRO A 76 11.19 -0.80 17.48
C PRO A 76 10.57 -0.82 16.06
N ALA A 77 10.60 0.32 15.32
CA ALA A 77 9.99 0.39 13.98
C ALA A 77 10.92 -0.13 12.85
N VAL A 78 12.20 -0.28 13.18
CA VAL A 78 13.25 -0.71 12.26
C VAL A 78 12.95 -2.13 11.73
N PRO A 79 12.69 -3.20 12.55
CA PRO A 79 12.39 -4.53 11.94
C PRO A 79 11.17 -4.51 11.01
N ASP A 80 10.16 -3.68 11.34
CA ASP A 80 8.93 -3.53 10.53
C ASP A 80 9.22 -3.02 9.12
N ILE A 81 10.02 -1.95 9.02
CA ILE A 81 10.34 -1.32 7.73
C ILE A 81 11.18 -2.24 6.86
N CYS A 82 12.15 -2.95 7.46
CA CYS A 82 13.04 -3.88 6.75
C CYS A 82 12.27 -5.05 6.14
N ALA A 83 11.30 -5.59 6.89
CA ALA A 83 10.52 -6.74 6.47
C ALA A 83 9.34 -6.37 5.61
N HIS A 84 8.69 -5.22 5.85
CA HIS A 84 7.46 -4.90 5.13
C HIS A 84 7.46 -3.59 4.31
N GLY A 85 8.49 -2.76 4.46
CA GLY A 85 8.59 -1.47 3.81
C GLY A 85 7.87 -0.45 4.67
N PHE A 86 7.76 0.76 4.17
CA PHE A 86 7.10 1.85 4.85
C PHE A 86 5.55 1.71 4.80
N ASN A 87 4.90 1.86 5.97
CA ASN A 87 3.45 1.71 6.11
C ASN A 87 2.82 2.95 6.72
N ARG A 88 2.00 3.63 5.91
CA ARG A 88 1.31 4.87 6.27
C ARG A 88 0.26 4.67 7.38
N SER A 89 -0.11 3.41 7.67
CA SER A 89 -1.13 3.09 8.66
C SER A 89 -0.57 3.21 10.07
N PHE A 90 0.76 3.25 10.22
CA PHE A 90 1.35 3.41 11.55
C PHE A 90 1.70 4.88 11.80
N CYS A 91 0.78 5.79 11.45
CA CYS A 91 0.84 7.25 11.57
C CYS A 91 0.99 7.78 13.03
N GLY A 92 1.08 6.86 14.01
CA GLY A 92 1.27 7.18 15.43
C GLY A 92 2.42 8.17 15.60
N ARG A 93 3.66 7.75 15.21
CA ARG A 93 4.93 8.52 15.20
C ARG A 93 4.82 9.83 16.02
N ASN A 94 4.58 10.98 15.35
CA ASN A 94 4.32 12.27 15.96
C ASN A 94 3.11 12.92 15.24
N ALA A 95 3.32 13.61 14.09
CA ALA A 95 2.20 14.27 13.41
C ALA A 95 2.20 14.02 11.90
N THR A 96 1.07 14.40 11.30
CA THR A 96 0.71 14.23 9.91
C THR A 96 0.06 15.52 9.42
N VAL A 97 0.79 16.62 9.57
CA VAL A 97 0.36 17.97 9.23
C VAL A 97 0.24 18.19 7.72
N TYR A 98 0.91 17.35 6.88
CA TYR A 98 0.87 17.43 5.42
C TYR A 98 0.19 16.18 4.80
N GLY A 99 -0.54 15.42 5.64
CA GLY A 99 -1.25 14.23 5.25
C GLY A 99 -0.86 12.98 6.01
N LYS A 100 -1.77 12.00 6.04
CA LYS A 100 -1.56 10.69 6.63
C LYS A 100 -0.80 9.76 5.63
N GLY A 101 0.46 10.10 5.40
CA GLY A 101 1.41 9.30 4.62
C GLY A 101 2.70 9.11 5.39
N VAL A 102 3.73 8.54 4.72
CA VAL A 102 5.07 8.32 5.27
C VAL A 102 5.89 9.53 4.83
N TYR A 103 6.58 10.16 5.79
CA TYR A 103 7.36 11.39 5.65
C TYR A 103 8.80 11.15 5.36
N PHE A 104 9.32 11.81 4.33
CA PHE A 104 10.72 11.72 3.91
C PHE A 104 11.33 13.09 3.83
N ALA A 105 12.60 13.22 4.24
CA ALA A 105 13.36 14.48 4.22
C ALA A 105 14.43 14.44 3.15
N ARG A 106 14.55 15.54 2.40
CA ARG A 106 15.58 15.73 1.39
C ARG A 106 16.98 15.82 2.01
N ARG A 107 17.10 16.38 3.25
CA ARG A 107 18.35 16.55 4.02
C ARG A 107 18.34 15.77 5.31
N ALA A 108 19.44 15.03 5.58
CA ALA A 108 19.63 14.23 6.80
C ALA A 108 19.54 15.10 8.07
N SER A 109 19.83 16.43 7.96
CA SER A 109 19.74 17.41 9.05
C SER A 109 18.35 17.41 9.72
N LEU A 110 17.30 17.11 8.95
CA LEU A 110 15.93 17.07 9.46
C LEU A 110 15.64 15.70 10.11
N SER A 111 15.87 14.59 9.38
CA SER A 111 15.61 13.22 9.83
C SER A 111 16.42 12.84 11.06
N VAL A 112 17.60 13.47 11.23
CA VAL A 112 18.52 13.16 12.32
C VAL A 112 18.09 13.84 13.65
N GLN A 113 16.99 14.64 13.64
CA GLN A 113 16.46 15.29 14.84
C GLN A 113 15.77 14.25 15.72
N ASP A 114 16.03 14.34 17.02
CA ASP A 114 15.52 13.43 18.04
C ASP A 114 14.01 13.18 18.01
N ARG A 115 13.23 14.13 17.51
CA ARG A 115 11.78 13.96 17.46
C ARG A 115 11.38 12.95 16.41
N TYR A 116 12.26 12.74 15.42
CA TYR A 116 12.08 11.81 14.30
C TYR A 116 12.86 10.51 14.53
N SER A 117 14.17 10.62 14.88
CA SER A 117 15.03 9.46 15.20
C SER A 117 15.43 9.48 16.68
N PRO A 118 14.49 9.26 17.64
CA PRO A 118 14.89 9.32 19.06
C PRO A 118 15.90 8.24 19.40
N PRO A 119 16.97 8.59 20.17
CA PRO A 119 17.97 7.58 20.50
C PRO A 119 17.42 6.58 21.50
N ASN A 120 17.88 5.34 21.39
CA ASN A 120 17.53 4.28 22.33
C ASN A 120 18.38 4.49 23.61
N ALA A 121 18.48 3.52 24.53
CA ALA A 121 19.27 3.65 25.76
C ALA A 121 20.78 3.64 25.49
N ASP A 122 21.21 3.10 24.34
CA ASP A 122 22.62 3.04 23.90
C ASP A 122 23.02 4.32 23.13
N GLY A 123 22.03 5.21 22.91
CA GLY A 123 22.21 6.48 22.24
C GLY A 123 22.23 6.36 20.74
N HIS A 124 21.82 5.20 20.23
CA HIS A 124 21.78 4.93 18.79
C HIS A 124 20.47 5.39 18.20
N LYS A 125 20.57 6.19 17.12
CA LYS A 125 19.49 6.81 16.36
C LYS A 125 19.40 6.16 14.99
N ALA A 126 18.21 5.71 14.60
CA ALA A 126 17.94 5.03 13.34
C ALA A 126 17.45 6.00 12.24
N VAL A 127 18.16 6.02 11.10
CA VAL A 127 17.81 6.87 9.96
C VAL A 127 17.89 6.01 8.68
N PHE A 128 16.74 5.74 8.08
CA PHE A 128 16.64 4.97 6.84
C PHE A 128 16.94 5.86 5.64
N VAL A 129 17.67 5.30 4.67
CA VAL A 129 17.94 5.90 3.37
C VAL A 129 17.02 5.17 2.43
N ALA A 130 16.13 5.91 1.78
CA ALA A 130 15.13 5.30 0.91
C ALA A 130 15.13 5.94 -0.45
N ARG A 131 14.96 5.10 -1.48
CA ARG A 131 14.78 5.51 -2.87
C ARG A 131 13.28 5.76 -3.01
N VAL A 132 12.86 7.03 -3.19
CA VAL A 132 11.43 7.39 -3.22
C VAL A 132 11.00 7.92 -4.60
N LEU A 133 9.82 7.45 -5.07
CA LEU A 133 9.24 7.84 -6.34
C LEU A 133 8.35 9.08 -6.11
N THR A 134 9.01 10.25 -5.91
CA THR A 134 8.34 11.51 -5.62
C THR A 134 7.44 11.96 -6.79
N GLY A 135 7.83 11.60 -8.01
CA GLY A 135 7.10 11.91 -9.24
C GLY A 135 6.67 13.36 -9.34
N ASP A 136 5.40 13.59 -9.73
CA ASP A 136 4.74 14.90 -9.82
C ASP A 136 4.12 15.17 -8.47
N TYR A 137 4.54 16.22 -7.80
CA TYR A 137 4.08 16.51 -6.45
C TYR A 137 3.18 17.76 -6.35
N GLY A 138 2.41 17.81 -5.28
CA GLY A 138 1.50 18.92 -4.99
C GLY A 138 1.55 19.27 -3.52
N GLN A 139 0.79 20.28 -3.11
CA GLN A 139 0.82 20.77 -1.73
C GLN A 139 0.19 19.78 -0.71
N GLY A 140 0.94 19.49 0.35
CA GLY A 140 0.46 18.67 1.46
C GLY A 140 -0.48 19.48 2.33
N ARG A 141 -1.35 18.81 3.08
CA ARG A 141 -2.38 19.38 3.96
C ARG A 141 -2.84 18.32 4.95
N ARG A 142 -3.31 18.75 6.13
CA ARG A 142 -3.69 17.90 7.26
C ARG A 142 -4.71 16.75 6.93
N GLY A 143 -5.63 17.00 6.02
CA GLY A 143 -6.64 16.00 5.73
C GLY A 143 -6.30 14.82 4.83
N LEU A 144 -5.23 14.95 4.00
CA LEU A 144 -4.83 13.99 2.97
C LEU A 144 -4.65 12.57 3.46
N ARG A 145 -5.40 11.66 2.85
CA ARG A 145 -5.39 10.21 2.98
C ARG A 145 -4.75 9.63 1.70
N ALA A 146 -4.59 10.49 0.65
CA ALA A 146 -3.97 10.12 -0.63
C ALA A 146 -3.21 11.34 -1.19
N PRO A 147 -2.43 11.23 -2.31
CA PRO A 147 -1.72 12.42 -2.83
C PRO A 147 -2.63 13.63 -3.16
N PRO A 148 -2.11 14.87 -3.15
CA PRO A 148 -2.98 16.03 -3.42
C PRO A 148 -3.63 16.05 -4.82
N LEU A 149 -4.80 16.67 -4.91
CA LEU A 149 -5.52 16.80 -6.17
C LEU A 149 -4.78 17.76 -7.10
N ARG A 150 -4.69 17.41 -8.39
CA ARG A 150 -4.03 18.18 -9.43
C ARG A 150 -4.81 19.48 -9.80
N GLY A 151 -6.13 19.40 -9.70
CA GLY A 151 -7.04 20.50 -9.98
C GLY A 151 -7.23 20.77 -11.47
N PRO A 152 -7.77 21.95 -11.82
CA PRO A 152 -7.95 22.25 -13.25
C PRO A 152 -6.62 22.34 -14.00
N GLY A 153 -6.68 22.10 -15.32
CA GLY A 153 -5.52 22.17 -16.20
C GLY A 153 -4.72 20.89 -16.30
N HIS A 154 -5.21 19.79 -15.69
CA HIS A 154 -4.55 18.48 -15.65
C HIS A 154 -5.53 17.35 -15.93
N VAL A 155 -5.08 16.32 -16.69
CA VAL A 155 -5.92 15.14 -16.96
C VAL A 155 -6.06 14.28 -15.70
N LEU A 156 -4.93 13.97 -15.04
CA LEU A 156 -4.98 13.11 -13.86
C LEU A 156 -5.61 13.84 -12.66
N LEU A 157 -6.20 13.09 -11.78
CA LEU A 157 -6.91 13.69 -10.67
C LEU A 157 -5.98 13.90 -9.48
N ARG A 158 -4.97 13.05 -9.27
CA ARG A 158 -4.07 13.22 -8.12
C ARG A 158 -2.58 13.28 -8.52
N TYR A 159 -1.76 13.89 -7.62
CA TYR A 159 -0.32 13.97 -7.79
C TYR A 159 0.26 12.63 -7.27
N ASP A 160 1.59 12.42 -7.33
CA ASP A 160 2.21 11.17 -6.88
C ASP A 160 2.66 11.27 -5.41
N SER A 161 2.96 12.50 -4.96
CA SER A 161 3.38 12.78 -3.61
C SER A 161 2.91 14.18 -3.19
N ALA A 162 2.87 14.42 -1.87
CA ALA A 162 2.53 15.70 -1.24
C ALA A 162 3.82 16.30 -0.72
N VAL A 163 3.95 17.63 -0.74
CA VAL A 163 5.17 18.29 -0.32
C VAL A 163 4.85 19.39 0.72
N ASP A 164 5.86 19.91 1.46
CA ASP A 164 5.64 20.96 2.45
C ASP A 164 5.45 22.32 1.74
N CYS A 165 6.30 22.60 0.74
CA CYS A 165 6.32 23.81 -0.08
C CYS A 165 6.38 23.40 -1.55
N ILE A 166 5.45 23.91 -2.40
CA ILE A 166 5.50 23.61 -3.84
C ILE A 166 6.73 24.33 -4.46
N CYS A 167 7.12 25.48 -3.88
CA CYS A 167 8.32 26.25 -4.24
C CYS A 167 9.38 25.94 -3.20
N GLN A 168 10.44 25.23 -3.61
CA GLN A 168 11.55 24.78 -2.77
C GLN A 168 11.05 23.68 -1.75
N PRO A 169 10.87 22.41 -2.20
CA PRO A 169 10.39 21.35 -1.28
C PRO A 169 11.50 20.77 -0.42
N SER A 170 11.20 20.36 0.83
CA SER A 170 12.19 19.76 1.75
C SER A 170 11.65 18.48 2.42
N ILE A 171 10.31 18.31 2.41
CA ILE A 171 9.59 17.18 2.96
C ILE A 171 8.69 16.64 1.86
N PHE A 172 8.65 15.30 1.70
CA PHE A 172 7.77 14.58 0.75
C PHE A 172 6.99 13.53 1.54
N VAL A 173 5.68 13.46 1.29
CA VAL A 173 4.79 12.50 1.92
C VAL A 173 4.39 11.50 0.86
N ILE A 174 4.60 10.19 1.13
CA ILE A 174 4.19 9.19 0.13
C ILE A 174 3.11 8.31 0.79
N PHE A 175 2.06 8.04 0.02
CA PHE A 175 0.80 7.40 0.39
C PHE A 175 0.52 6.01 -0.24
N HIS A 176 1.54 5.38 -0.89
CA HIS A 176 1.44 4.05 -1.51
C HIS A 176 2.57 3.12 -1.01
N ASP A 177 2.19 1.88 -0.64
CA ASP A 177 3.05 0.87 -0.04
C ASP A 177 4.35 0.54 -0.82
N THR A 178 4.34 0.57 -2.19
CA THR A 178 5.51 0.20 -3.04
C THR A 178 6.20 1.42 -3.69
N GLN A 179 5.86 2.64 -3.22
CA GLN A 179 6.36 3.92 -3.75
C GLN A 179 7.71 4.40 -3.13
N ALA A 180 8.10 3.84 -1.97
CA ALA A 180 9.37 4.14 -1.30
C ALA A 180 10.04 2.86 -0.91
N LEU A 181 11.32 2.71 -1.30
CA LEU A 181 12.10 1.51 -1.05
C LEU A 181 13.23 1.78 -0.05
N PRO A 182 13.15 1.24 1.19
CA PRO A 182 14.29 1.39 2.13
C PRO A 182 15.48 0.60 1.60
N THR A 183 16.59 1.30 1.28
CA THR A 183 17.78 0.64 0.73
C THR A 183 18.87 0.50 1.83
N HIS A 184 18.97 1.46 2.73
CA HIS A 184 19.97 1.42 3.81
C HIS A 184 19.41 1.89 5.12
N LEU A 185 20.11 1.55 6.20
CA LEU A 185 19.84 2.01 7.57
C LEU A 185 21.12 2.59 8.14
N ILE A 186 21.03 3.84 8.57
CA ILE A 186 22.11 4.54 9.22
C ILE A 186 21.80 4.56 10.72
N THR A 187 22.71 3.98 11.50
CA THR A 187 22.69 3.97 12.94
C THR A 187 23.74 4.98 13.28
N CYS A 188 23.29 6.11 13.82
CA CYS A 188 24.16 7.22 14.16
C CYS A 188 23.95 7.57 15.63
N GLU A 189 24.71 8.56 16.12
CA GLU A 189 24.67 9.00 17.51
C GLU A 189 25.30 10.38 17.63
N HIS A 190 25.14 11.00 18.82
CA HIS A 190 25.70 12.30 19.19
C HIS A 190 27.12 12.14 19.67
N VAL A 191 28.01 13.07 19.26
CA VAL A 191 29.45 13.07 19.60
C VAL A 191 29.70 13.20 21.10
N ASN B 3 -9.56 2.02 -18.34
CA ASN B 3 -9.38 0.99 -17.31
C ASN B 3 -10.54 0.01 -17.31
N LEU B 4 -11.57 0.26 -18.15
CA LEU B 4 -12.76 -0.60 -18.27
C LEU B 4 -13.13 -0.89 -19.73
N GLU B 5 -13.25 -2.17 -20.04
CA GLU B 5 -13.67 -2.69 -21.35
C GLU B 5 -14.93 -3.51 -21.11
N ARG B 6 -16.02 -3.20 -21.83
CA ARG B 6 -17.27 -3.93 -21.71
C ARG B 6 -17.10 -5.34 -22.29
N LEU B 7 -17.53 -6.37 -21.51
CA LEU B 7 -17.50 -7.76 -21.93
C LEU B 7 -18.80 -8.11 -22.61
N ALA B 8 -18.74 -8.81 -23.77
CA ALA B 8 -19.93 -9.23 -24.52
C ALA B 8 -20.50 -10.52 -23.93
N GLU B 9 -21.84 -10.62 -23.87
CA GLU B 9 -22.61 -11.75 -23.33
C GLU B 9 -22.31 -13.09 -24.02
N ASN B 10 -21.97 -13.07 -25.33
CA ASN B 10 -21.69 -14.27 -26.14
C ASN B 10 -20.32 -14.91 -25.81
N THR B 11 -19.58 -14.39 -24.82
CA THR B 11 -18.28 -14.90 -24.42
C THR B 11 -18.36 -15.77 -23.18
N GLY B 12 -17.42 -16.70 -23.07
CA GLY B 12 -17.28 -17.61 -21.93
C GLY B 12 -16.88 -16.87 -20.68
N GLU B 13 -16.03 -15.82 -20.82
CA GLU B 13 -15.54 -14.99 -19.72
C GLU B 13 -16.72 -14.33 -19.00
N PHE B 14 -17.64 -13.74 -19.77
CA PHE B 14 -18.85 -13.09 -19.23
C PHE B 14 -19.71 -14.09 -18.45
N GLN B 15 -19.97 -15.26 -19.04
CA GLN B 15 -20.83 -16.30 -18.49
C GLN B 15 -20.24 -16.96 -17.24
N GLU B 16 -18.91 -16.92 -17.07
CA GLU B 16 -18.24 -17.48 -15.89
C GLU B 16 -18.37 -16.51 -14.70
N VAL B 17 -18.25 -15.19 -14.98
CA VAL B 17 -18.35 -14.12 -13.98
C VAL B 17 -19.77 -14.12 -13.41
N VAL B 18 -20.75 -14.07 -14.30
CA VAL B 18 -22.18 -14.06 -14.02
C VAL B 18 -22.63 -15.38 -13.31
N ARG B 19 -22.22 -16.56 -13.78
CA ARG B 19 -22.57 -17.83 -13.13
C ARG B 19 -22.03 -17.87 -11.69
N ALA B 20 -20.77 -17.46 -11.48
CA ALA B 20 -20.14 -17.42 -10.15
C ALA B 20 -20.81 -16.39 -9.24
N PHE B 21 -21.31 -15.28 -9.84
CA PHE B 21 -22.00 -14.21 -9.12
C PHE B 21 -23.33 -14.74 -8.56
N TYR B 22 -24.21 -15.27 -9.43
CA TYR B 22 -25.53 -15.78 -9.07
C TYR B 22 -25.50 -17.02 -8.16
N ASP B 23 -24.46 -17.88 -8.27
CA ASP B 23 -24.29 -19.09 -7.43
C ASP B 23 -24.15 -18.73 -5.95
N THR B 24 -23.48 -17.59 -5.67
CA THR B 24 -23.15 -17.06 -4.35
C THR B 24 -24.13 -15.93 -3.91
N LEU B 25 -25.17 -15.66 -4.70
CA LEU B 25 -26.15 -14.60 -4.43
C LEU B 25 -27.18 -15.02 -3.37
N ASP B 26 -27.25 -16.33 -3.04
CA ASP B 26 -28.09 -16.95 -2.01
C ASP B 26 -29.59 -16.53 -2.15
N ALA B 27 -30.20 -15.88 -1.13
CA ALA B 27 -31.62 -15.48 -1.16
C ALA B 27 -31.92 -14.33 -2.15
N ALA B 28 -30.87 -13.59 -2.56
CA ALA B 28 -30.93 -12.45 -3.47
C ALA B 28 -30.92 -12.86 -4.95
N ARG B 29 -30.64 -14.15 -5.26
CA ARG B 29 -30.54 -14.74 -6.61
C ARG B 29 -31.67 -14.30 -7.56
N SER B 30 -32.89 -14.21 -7.01
CA SER B 30 -34.13 -13.83 -7.67
C SER B 30 -34.38 -12.32 -7.71
N SER B 31 -33.78 -11.55 -6.79
CA SER B 31 -33.97 -10.10 -6.62
C SER B 31 -32.94 -9.22 -7.37
N ILE B 32 -31.83 -9.81 -7.85
CA ILE B 32 -30.75 -9.09 -8.54
C ILE B 32 -30.56 -9.54 -10.00
N ARG B 33 -30.41 -8.57 -10.91
CA ARG B 33 -30.17 -8.75 -12.34
C ARG B 33 -28.82 -8.13 -12.73
N VAL B 34 -27.95 -8.89 -13.41
CA VAL B 34 -26.67 -8.41 -13.92
C VAL B 34 -26.96 -7.58 -15.14
N VAL B 35 -26.60 -6.29 -15.09
CA VAL B 35 -26.82 -5.30 -16.15
C VAL B 35 -25.66 -5.33 -17.18
N ARG B 36 -24.42 -5.25 -16.67
CA ARG B 36 -23.17 -5.09 -17.40
C ARG B 36 -22.04 -5.82 -16.68
N VAL B 37 -21.06 -6.32 -17.45
CA VAL B 37 -19.82 -6.90 -16.92
C VAL B 37 -18.69 -6.23 -17.71
N GLU B 38 -17.69 -5.75 -17.00
CA GLU B 38 -16.57 -5.04 -17.59
C GLU B 38 -15.25 -5.56 -17.04
N ARG B 39 -14.24 -5.72 -17.92
CA ARG B 39 -12.89 -6.14 -17.53
C ARG B 39 -12.14 -4.92 -17.05
N VAL B 40 -11.44 -5.03 -15.90
CA VAL B 40 -10.65 -3.94 -15.33
C VAL B 40 -9.19 -4.08 -15.84
N SER B 41 -8.61 -2.98 -16.34
CA SER B 41 -7.21 -2.95 -16.82
C SER B 41 -6.36 -1.95 -16.05
N HIS B 42 -5.35 -2.48 -15.35
CA HIS B 42 -4.37 -1.69 -14.61
C HIS B 42 -3.08 -2.50 -14.59
N PRO B 43 -2.32 -2.45 -15.73
CA PRO B 43 -1.13 -3.31 -15.88
C PRO B 43 -0.07 -3.19 -14.80
N LEU B 44 0.26 -1.97 -14.31
CA LEU B 44 1.28 -1.82 -13.26
C LEU B 44 0.88 -2.62 -12.01
N LEU B 45 -0.37 -2.53 -11.57
CA LEU B 45 -0.85 -3.29 -10.39
C LEU B 45 -0.87 -4.80 -10.64
N GLN B 46 -1.27 -5.23 -11.85
CA GLN B 46 -1.36 -6.62 -12.25
C GLN B 46 0.00 -7.30 -12.11
N GLN B 47 1.05 -6.63 -12.68
CA GLN B 47 2.44 -7.04 -12.71
C GLN B 47 3.05 -7.11 -11.31
N GLN B 48 2.65 -6.18 -10.41
CA GLN B 48 3.07 -6.10 -9.00
C GLN B 48 2.37 -7.18 -8.18
N TYR B 49 1.10 -7.37 -8.45
CA TYR B 49 0.28 -8.43 -7.86
C TYR B 49 0.90 -9.80 -8.20
N GLU B 50 1.33 -9.97 -9.46
CA GLU B 50 1.89 -11.19 -10.03
C GLU B 50 3.16 -11.60 -9.34
N LEU B 51 3.99 -10.64 -8.92
CA LEU B 51 5.24 -10.87 -8.18
C LEU B 51 4.94 -11.30 -6.77
N TYR B 52 3.96 -10.64 -6.14
CA TYR B 52 3.45 -10.90 -4.80
C TYR B 52 2.95 -12.35 -4.74
N ARG B 53 2.16 -12.73 -5.75
CA ARG B 53 1.56 -14.06 -5.92
C ARG B 53 2.63 -15.15 -5.93
N GLU B 54 3.72 -14.96 -6.69
CA GLU B 54 4.84 -15.89 -6.81
C GLU B 54 5.56 -16.08 -5.51
N ARG B 55 5.76 -15.01 -4.72
CA ARG B 55 6.43 -15.08 -3.43
C ARG B 55 5.57 -15.85 -2.41
N LEU B 56 4.23 -15.71 -2.50
CA LEU B 56 3.32 -16.42 -1.61
C LEU B 56 3.26 -17.92 -1.96
N LEU B 57 3.43 -18.27 -3.26
CA LEU B 57 3.42 -19.68 -3.72
C LEU B 57 4.65 -20.42 -3.21
N GLN B 58 5.76 -19.71 -2.99
CA GLN B 58 7.02 -20.27 -2.46
C GLN B 58 6.91 -20.58 -0.97
N ARG B 59 6.34 -19.61 -0.25
CA ARG B 59 6.25 -19.38 1.18
C ARG B 59 5.08 -20.01 1.97
N CYS B 60 3.82 -19.82 1.51
CA CYS B 60 2.63 -20.21 2.27
C CYS B 60 2.44 -21.70 2.47
N GLU B 61 1.98 -22.02 3.69
CA GLU B 61 1.60 -23.33 4.22
C GLU B 61 0.15 -23.68 3.83
N ARG B 62 -0.63 -22.66 3.41
CA ARG B 62 -2.03 -22.78 3.03
C ARG B 62 -2.25 -22.69 1.52
N ARG B 63 -3.07 -23.62 0.97
CA ARG B 63 -3.49 -23.68 -0.43
C ARG B 63 -5.02 -23.56 -0.56
N PRO B 64 -5.56 -22.77 -1.53
CA PRO B 64 -4.86 -21.92 -2.52
C PRO B 64 -4.35 -20.64 -1.89
N VAL B 65 -3.36 -20.04 -2.51
CA VAL B 65 -2.73 -18.81 -2.04
C VAL B 65 -3.64 -17.61 -2.42
N GLU B 66 -4.44 -17.79 -3.47
CA GLU B 66 -5.32 -16.79 -4.07
C GLU B 66 -6.78 -17.27 -4.19
N GLN B 67 -7.72 -16.34 -3.93
CA GLN B 67 -9.15 -16.57 -4.04
C GLN B 67 -9.83 -15.51 -4.88
N VAL B 68 -10.90 -15.88 -5.58
CA VAL B 68 -11.71 -14.91 -6.32
C VAL B 68 -12.84 -14.45 -5.36
N LEU B 69 -12.73 -13.20 -4.88
CA LEU B 69 -13.65 -12.60 -3.91
C LEU B 69 -14.32 -11.35 -4.47
N TYR B 70 -15.38 -10.87 -3.78
CA TYR B 70 -16.19 -9.72 -4.20
C TYR B 70 -16.01 -8.53 -3.28
N HIS B 71 -16.19 -7.33 -3.85
CA HIS B 71 -16.13 -6.08 -3.12
C HIS B 71 -17.16 -5.09 -3.68
N GLY B 72 -18.24 -4.88 -2.93
CA GLY B 72 -19.27 -3.90 -3.26
C GLY B 72 -18.79 -2.52 -2.89
N THR B 73 -18.94 -1.57 -3.81
CA THR B 73 -18.48 -0.19 -3.59
C THR B 73 -19.55 0.84 -4.05
N THR B 74 -19.25 2.16 -3.84
CA THR B 74 -20.14 3.24 -4.27
C THR B 74 -19.81 3.60 -5.72
N ALA B 75 -20.73 4.25 -6.44
CA ALA B 75 -20.46 4.64 -7.82
C ALA B 75 -19.25 5.60 -7.91
N PRO B 76 -19.09 6.65 -7.06
CA PRO B 76 -17.88 7.51 -7.20
C PRO B 76 -16.54 6.80 -6.90
N ALA B 77 -16.54 5.65 -6.21
CA ALA B 77 -15.32 4.91 -5.86
C ALA B 77 -14.81 3.99 -6.99
N VAL B 78 -15.66 3.71 -7.98
CA VAL B 78 -15.38 2.83 -9.11
C VAL B 78 -14.21 3.40 -9.91
N PRO B 79 -14.17 4.67 -10.41
CA PRO B 79 -12.96 5.12 -11.16
C PRO B 79 -11.66 5.02 -10.34
N ASP B 80 -11.73 5.24 -9.00
CA ASP B 80 -10.58 5.15 -8.09
C ASP B 80 -9.98 3.74 -8.06
N ILE B 81 -10.82 2.70 -7.92
CA ILE B 81 -10.36 1.32 -7.83
C ILE B 81 -9.77 0.86 -9.17
N CYS B 82 -10.40 1.22 -10.31
CA CYS B 82 -9.93 0.87 -11.65
C CYS B 82 -8.56 1.46 -11.95
N ALA B 83 -8.33 2.72 -11.54
CA ALA B 83 -7.10 3.46 -11.80
C ALA B 83 -6.03 3.23 -10.75
N HIS B 84 -6.41 2.97 -9.48
CA HIS B 84 -5.38 2.86 -8.44
C HIS B 84 -5.39 1.57 -7.62
N GLY B 85 -6.41 0.74 -7.77
CA GLY B 85 -6.60 -0.48 -6.98
C GLY B 85 -7.29 -0.13 -5.68
N PHE B 86 -7.41 -1.11 -4.83
CA PHE B 86 -8.06 -0.96 -3.53
C PHE B 86 -7.15 -0.21 -2.51
N ASN B 87 -7.73 0.76 -1.79
CA ASN B 87 -7.00 1.58 -0.82
C ASN B 87 -7.67 1.55 0.55
N ARG B 88 -6.97 0.98 1.53
CA ARG B 88 -7.44 0.83 2.92
C ARG B 88 -7.61 2.15 3.66
N SER B 89 -6.97 3.24 3.16
CA SER B 89 -7.02 4.57 3.77
C SER B 89 -8.38 5.24 3.60
N PHE B 90 -9.24 4.66 2.75
CA PHE B 90 -10.58 5.18 2.51
C PHE B 90 -11.65 4.42 3.36
N CYS B 91 -11.21 3.89 4.51
CA CYS B 91 -11.92 3.15 5.58
C CYS B 91 -13.31 3.69 5.90
N GLY B 92 -13.44 5.03 6.08
CA GLY B 92 -14.66 5.76 6.43
C GLY B 92 -15.98 5.15 6.00
N ARG B 93 -16.01 4.64 4.74
CA ARG B 93 -17.08 3.90 4.02
C ARG B 93 -18.09 3.28 5.01
N ASN B 94 -17.63 2.23 5.74
CA ASN B 94 -18.35 1.42 6.73
C ASN B 94 -17.47 1.11 7.95
N ALA B 95 -17.97 0.20 8.83
CA ALA B 95 -17.28 -0.26 10.02
C ALA B 95 -16.12 -1.17 9.62
N THR B 96 -15.08 -1.22 10.45
CA THR B 96 -13.87 -2.01 10.19
C THR B 96 -13.65 -2.95 11.41
N VAL B 97 -14.71 -3.73 11.66
CA VAL B 97 -15.01 -4.67 12.73
C VAL B 97 -13.95 -5.81 12.84
N TYR B 98 -13.23 -6.11 11.75
CA TYR B 98 -12.22 -7.19 11.67
C TYR B 98 -10.83 -6.63 11.28
N GLY B 99 -10.67 -5.32 11.34
CA GLY B 99 -9.41 -4.66 11.01
C GLY B 99 -9.56 -3.57 9.97
N LYS B 100 -8.69 -2.56 10.08
CA LYS B 100 -8.67 -1.41 9.20
C LYS B 100 -7.95 -1.77 7.88
N GLY B 101 -8.66 -2.55 7.06
CA GLY B 101 -8.25 -2.96 5.73
C GLY B 101 -9.40 -2.88 4.74
N VAL B 102 -9.20 -3.45 3.52
CA VAL B 102 -10.20 -3.54 2.45
C VAL B 102 -10.86 -4.89 2.63
N TYR B 103 -12.20 -4.89 2.66
CA TYR B 103 -13.07 -6.05 2.93
C TYR B 103 -13.52 -6.71 1.66
N PHE B 104 -13.36 -8.04 1.63
CA PHE B 104 -13.75 -8.88 0.50
C PHE B 104 -14.64 -9.99 0.98
N ALA B 105 -15.67 -10.31 0.19
CA ALA B 105 -16.65 -11.36 0.51
C ALA B 105 -16.46 -12.56 -0.40
N ARG B 106 -16.58 -13.75 0.18
CA ARG B 106 -16.51 -15.00 -0.59
C ARG B 106 -17.74 -15.12 -1.45
N ARG B 107 -18.91 -14.68 -0.89
CA ARG B 107 -20.23 -14.75 -1.53
C ARG B 107 -20.76 -13.39 -1.94
N ALA B 108 -21.20 -13.28 -3.20
CA ALA B 108 -21.79 -12.05 -3.77
C ALA B 108 -23.02 -11.58 -2.97
N SER B 109 -23.71 -12.50 -2.25
CA SER B 109 -24.87 -12.22 -1.38
C SER B 109 -24.55 -11.12 -0.34
N LEU B 110 -23.30 -11.05 0.12
CA LEU B 110 -22.86 -10.05 1.09
C LEU B 110 -22.53 -8.70 0.38
N SER B 111 -21.66 -8.74 -0.63
CA SER B 111 -21.21 -7.55 -1.37
C SER B 111 -22.35 -6.83 -2.08
N VAL B 112 -23.41 -7.57 -2.46
CA VAL B 112 -24.55 -7.03 -3.22
C VAL B 112 -25.54 -6.27 -2.29
N GLN B 113 -25.27 -6.21 -0.96
CA GLN B 113 -26.10 -5.47 -0.01
C GLN B 113 -25.90 -3.98 -0.16
N ASP B 114 -27.00 -3.22 -0.18
CA ASP B 114 -27.02 -1.77 -0.40
C ASP B 114 -26.07 -0.97 0.49
N ARG B 115 -25.69 -1.51 1.68
CA ARG B 115 -24.76 -0.79 2.60
C ARG B 115 -23.34 -0.79 2.03
N TYR B 116 -23.05 -1.78 1.17
CA TYR B 116 -21.76 -1.97 0.53
C TYR B 116 -21.80 -1.47 -0.91
N SER B 117 -22.82 -1.87 -1.72
CA SER B 117 -22.99 -1.43 -3.11
C SER B 117 -24.24 -0.57 -3.26
N PRO B 118 -24.31 0.66 -2.68
CA PRO B 118 -25.55 1.45 -2.82
C PRO B 118 -25.82 1.81 -4.27
N PRO B 119 -27.08 1.71 -4.73
CA PRO B 119 -27.37 2.05 -6.14
C PRO B 119 -27.26 3.54 -6.39
N ASN B 120 -26.82 3.89 -7.59
CA ASN B 120 -26.71 5.26 -8.02
C ASN B 120 -28.11 5.75 -8.43
N ALA B 121 -28.23 6.90 -9.14
CA ALA B 121 -29.53 7.43 -9.56
C ALA B 121 -30.23 6.56 -10.65
N ASP B 122 -29.44 5.77 -11.41
CA ASP B 122 -29.93 4.85 -12.44
C ASP B 122 -30.27 3.46 -11.84
N GLY B 123 -30.05 3.28 -10.54
CA GLY B 123 -30.32 2.04 -9.81
C GLY B 123 -29.27 0.98 -9.99
N HIS B 124 -28.12 1.36 -10.55
CA HIS B 124 -27.01 0.47 -10.81
C HIS B 124 -26.10 0.39 -9.59
N LYS B 125 -25.83 -0.85 -9.17
CA LYS B 125 -24.99 -1.24 -8.03
C LYS B 125 -23.68 -1.83 -8.52
N ALA B 126 -22.55 -1.29 -8.03
CA ALA B 126 -21.20 -1.69 -8.42
C ALA B 126 -20.62 -2.77 -7.49
N VAL B 127 -20.22 -3.91 -8.07
CA VAL B 127 -19.62 -5.03 -7.34
C VAL B 127 -18.36 -5.50 -8.12
N PHE B 128 -17.19 -5.25 -7.54
CA PHE B 128 -15.91 -5.64 -8.12
C PHE B 128 -15.63 -7.09 -7.82
N VAL B 129 -15.07 -7.79 -8.83
CA VAL B 129 -14.58 -9.17 -8.71
C VAL B 129 -13.08 -8.99 -8.68
N ALA B 130 -12.47 -9.43 -7.57
CA ALA B 130 -11.04 -9.24 -7.38
C ALA B 130 -10.35 -10.53 -7.07
N ARG B 131 -9.14 -10.70 -7.63
CA ARG B 131 -8.22 -11.78 -7.36
C ARG B 131 -7.46 -11.34 -6.12
N VAL B 132 -7.67 -12.00 -4.97
CA VAL B 132 -7.06 -11.59 -3.69
C VAL B 132 -6.06 -12.64 -3.18
N LEU B 133 -4.89 -12.18 -2.70
CA LEU B 133 -3.83 -13.02 -2.14
C LEU B 133 -4.09 -13.19 -0.64
N THR B 134 -5.08 -14.02 -0.32
CA THR B 134 -5.51 -14.26 1.06
C THR B 134 -4.38 -14.92 1.87
N GLY B 135 -3.55 -15.72 1.21
CA GLY B 135 -2.40 -16.41 1.81
C GLY B 135 -2.75 -17.14 3.10
N ASP B 136 -1.90 -16.98 4.12
CA ASP B 136 -2.09 -17.53 5.46
C ASP B 136 -2.87 -16.50 6.24
N TYR B 137 -4.05 -16.85 6.70
CA TYR B 137 -4.92 -15.89 7.40
C TYR B 137 -5.06 -16.19 8.89
N GLY B 138 -5.44 -15.16 9.62
CA GLY B 138 -5.67 -15.23 11.06
C GLY B 138 -6.91 -14.47 11.42
N GLN B 139 -7.29 -14.50 12.70
CA GLN B 139 -8.51 -13.85 13.18
C GLN B 139 -8.43 -12.31 13.09
N GLY B 140 -9.40 -11.73 12.41
CA GLY B 140 -9.52 -10.29 12.35
C GLY B 140 -10.11 -9.81 13.67
N ARG B 141 -9.77 -8.57 14.03
CA ARG B 141 -10.26 -7.85 15.20
C ARG B 141 -10.18 -6.35 14.88
N ARG B 142 -11.15 -5.57 15.41
CA ARG B 142 -11.34 -4.12 15.28
C ARG B 142 -10.03 -3.33 15.11
N GLY B 143 -9.17 -3.41 16.15
CA GLY B 143 -7.96 -2.63 16.31
C GLY B 143 -6.83 -2.81 15.33
N LEU B 144 -6.87 -3.90 14.52
CA LEU B 144 -5.85 -4.27 13.55
C LEU B 144 -5.65 -3.19 12.48
N ARG B 145 -4.39 -2.82 12.25
CA ARG B 145 -3.88 -1.85 11.26
C ARG B 145 -3.02 -2.58 10.21
N ALA B 146 -2.62 -3.82 10.54
CA ALA B 146 -1.81 -4.76 9.75
C ALA B 146 -2.35 -6.20 9.97
N PRO B 147 -1.99 -7.20 9.12
CA PRO B 147 -2.53 -8.57 9.33
C PRO B 147 -2.24 -9.16 10.72
N PRO B 148 -3.08 -10.10 11.25
CA PRO B 148 -2.87 -10.61 12.63
C PRO B 148 -1.53 -11.30 12.86
N LEU B 149 -1.08 -11.33 14.13
CA LEU B 149 0.18 -11.99 14.51
C LEU B 149 0.06 -13.49 14.45
N ARG B 150 1.09 -14.15 13.90
CA ARG B 150 1.17 -15.61 13.75
C ARG B 150 1.36 -16.30 15.10
N GLY B 151 2.13 -15.68 16.00
CA GLY B 151 2.38 -16.20 17.33
C GLY B 151 3.39 -17.32 17.35
N PRO B 152 3.50 -18.09 18.44
CA PRO B 152 4.50 -19.17 18.48
C PRO B 152 4.25 -20.25 17.43
N GLY B 153 5.33 -20.94 17.04
CA GLY B 153 5.31 -22.02 16.07
C GLY B 153 5.45 -21.57 14.63
N HIS B 154 5.70 -20.26 14.39
CA HIS B 154 5.83 -19.67 13.06
C HIS B 154 7.00 -18.73 12.98
N VAL B 155 7.80 -18.81 11.89
CA VAL B 155 8.97 -17.94 11.68
C VAL B 155 8.52 -16.48 11.47
N LEU B 156 7.53 -16.26 10.59
CA LEU B 156 7.06 -14.90 10.34
C LEU B 156 6.17 -14.46 11.48
N LEU B 157 6.14 -13.17 11.72
CA LEU B 157 5.38 -12.60 12.82
C LEU B 157 3.95 -12.27 12.41
N ARG B 158 3.70 -11.88 11.14
CA ARG B 158 2.33 -11.54 10.72
C ARG B 158 1.81 -12.49 9.67
N TYR B 159 0.47 -12.70 9.69
CA TYR B 159 -0.26 -13.45 8.69
C TYR B 159 -0.36 -12.55 7.43
N ASP B 160 -1.09 -13.00 6.39
CA ASP B 160 -1.20 -12.22 5.14
C ASP B 160 -2.54 -11.48 5.07
N SER B 161 -3.57 -12.04 5.70
CA SER B 161 -4.91 -11.46 5.74
C SER B 161 -5.60 -11.79 7.06
N ALA B 162 -6.63 -11.02 7.41
CA ALA B 162 -7.47 -11.20 8.59
C ALA B 162 -8.81 -11.75 8.10
N VAL B 163 -9.45 -12.63 8.89
CA VAL B 163 -10.69 -13.24 8.48
C VAL B 163 -11.76 -13.04 9.57
N ASP B 164 -13.06 -13.26 9.26
CA ASP B 164 -14.13 -13.10 10.26
C ASP B 164 -14.12 -14.30 11.22
N CYS B 165 -14.00 -15.52 10.67
CA CYS B 165 -13.99 -16.82 11.36
C CYS B 165 -12.79 -17.61 10.87
N ILE B 166 -11.94 -18.12 11.79
CA ILE B 166 -10.80 -18.95 11.39
C ILE B 166 -11.33 -20.31 10.89
N CYS B 167 -12.47 -20.75 11.43
CA CYS B 167 -13.19 -21.97 11.02
C CYS B 167 -14.35 -21.52 10.14
N GLN B 168 -14.28 -21.83 8.83
CA GLN B 168 -15.29 -21.45 7.82
C GLN B 168 -15.24 -19.89 7.60
N PRO B 169 -14.25 -19.36 6.84
CA PRO B 169 -14.19 -17.91 6.60
C PRO B 169 -15.15 -17.45 5.48
N SER B 170 -15.72 -16.24 5.60
CA SER B 170 -16.62 -15.67 4.58
C SER B 170 -16.23 -14.21 4.22
N ILE B 171 -15.44 -13.56 5.07
CA ILE B 171 -14.92 -12.20 4.90
C ILE B 171 -13.42 -12.26 5.06
N PHE B 172 -12.67 -11.58 4.17
CA PHE B 172 -11.21 -11.43 4.22
C PHE B 172 -10.89 -9.94 4.18
N VAL B 173 -9.98 -9.52 5.05
CA VAL B 173 -9.53 -8.13 5.13
C VAL B 173 -8.08 -8.10 4.63
N ILE B 174 -7.81 -7.27 3.60
CA ILE B 174 -6.44 -7.19 3.15
C ILE B 174 -5.93 -5.74 3.43
N PHE B 175 -4.67 -5.65 3.91
CA PHE B 175 -4.05 -4.45 4.43
C PHE B 175 -2.87 -3.92 3.61
N HIS B 176 -2.63 -4.45 2.37
CA HIS B 176 -1.54 -4.04 1.48
C HIS B 176 -2.09 -3.67 0.07
N ASP B 177 -1.63 -2.55 -0.44
CA ASP B 177 -2.03 -1.94 -1.70
C ASP B 177 -1.99 -2.87 -2.96
N THR B 178 -1.02 -3.81 -3.08
CA THR B 178 -0.83 -4.69 -4.26
C THR B 178 -1.28 -6.16 -4.01
N GLN B 179 -1.98 -6.39 -2.87
CA GLN B 179 -2.45 -7.71 -2.42
C GLN B 179 -3.81 -8.16 -3.03
N ALA B 180 -4.60 -7.21 -3.59
CA ALA B 180 -5.88 -7.51 -4.24
C ALA B 180 -5.93 -6.81 -5.57
N LEU B 181 -6.27 -7.56 -6.63
CA LEU B 181 -6.32 -7.06 -7.98
C LEU B 181 -7.75 -7.04 -8.53
N PRO B 182 -8.36 -5.85 -8.74
CA PRO B 182 -9.70 -5.83 -9.38
C PRO B 182 -9.59 -6.31 -10.82
N THR B 183 -10.28 -7.43 -11.16
CA THR B 183 -10.23 -7.99 -12.51
C THR B 183 -11.53 -7.69 -13.30
N HIS B 184 -12.68 -7.64 -12.62
CA HIS B 184 -13.95 -7.33 -13.26
C HIS B 184 -14.80 -6.41 -12.40
N LEU B 185 -15.79 -5.78 -13.04
CA LEU B 185 -16.80 -4.95 -12.41
C LEU B 185 -18.17 -5.45 -12.86
N ILE B 186 -18.99 -5.78 -11.86
CA ILE B 186 -20.36 -6.21 -12.08
C ILE B 186 -21.23 -5.02 -11.73
N THR B 187 -22.01 -4.59 -12.72
CA THR B 187 -23.01 -3.56 -12.58
C THR B 187 -24.30 -4.34 -12.57
N CYS B 188 -24.96 -4.37 -11.42
CA CYS B 188 -26.19 -5.10 -11.24
C CYS B 188 -27.27 -4.15 -10.74
N GLU B 189 -28.49 -4.65 -10.54
CA GLU B 189 -29.65 -3.87 -10.08
C GLU B 189 -30.73 -4.80 -9.55
N HIS B 190 -31.75 -4.20 -8.92
CA HIS B 190 -32.91 -4.88 -8.38
C HIS B 190 -33.97 -5.09 -9.45
N VAL B 191 -34.55 -6.30 -9.51
CA VAL B 191 -35.64 -6.71 -10.41
C VAL B 191 -36.57 -7.67 -9.65
N3 3AB C . 8.11 15.46 9.63
C3 3AB C . 9.06 14.83 8.92
C2 3AB C . 9.62 13.66 9.40
C4 3AB C . 9.53 15.34 7.72
C5 3AB C . 10.51 14.68 7.05
C6 3AB C . 11.07 13.51 7.54
C1 3AB C . 10.65 12.99 8.71
C1' 3AB C . 11.24 11.73 9.24
O1' 3AB C . 12.33 11.50 8.93
N1' 3AB C . 10.56 10.92 10.04
C1 CIT D . 8.00 5.37 11.71
O1 CIT D . 8.71 6.35 11.78
O2 CIT D . 7.32 4.89 12.74
C2 CIT D . 7.84 4.57 10.46
C3 CIT D . 6.50 4.61 9.70
O7 CIT D . 6.83 4.74 8.32
C4 CIT D . 5.84 3.26 9.97
C5 CIT D . 6.40 2.06 9.24
O3 CIT D . 6.70 2.08 8.07
O4 CIT D . 6.53 0.99 9.98
C6 CIT D . 5.55 5.76 10.10
O5 CIT D . 5.14 6.59 9.30
O6 CIT D . 5.18 5.73 11.35
C1 GOL E . 4.38 -7.17 2.53
O1 GOL E . 3.94 -6.05 3.31
C2 GOL E . 5.35 -8.05 3.30
O2 GOL E . 4.64 -9.07 4.01
C3 GOL E . 6.45 -8.67 2.45
O3 GOL E . 5.98 -9.59 1.48
N3 3AB F . -17.87 -6.14 5.41
C3 3AB F . -17.71 -6.54 4.17
C2 3AB F . -17.95 -5.71 3.06
C4 3AB F . -17.30 -7.84 4.00
C5 3AB F . -17.08 -8.29 2.71
C6 3AB F . -17.36 -7.43 1.62
C1 3AB F . -17.78 -6.15 1.77
C1' 3AB F . -17.95 -5.33 0.57
O1' 3AB F . -18.36 -5.90 -0.37
N1' 3AB F . -17.57 -4.05 0.51
C1 CIT G . -15.29 1.71 -0.83
O1 CIT G . -15.39 0.53 -1.38
O2 CIT G . -16.22 2.32 -0.34
C2 CIT G . -13.91 2.29 -0.88
C3 CIT G . -12.72 1.39 -0.54
O7 CIT G . -12.72 0.25 -1.41
C4 CIT G . -11.50 2.26 -0.84
C5 CIT G . -10.89 2.15 -2.18
O3 CIT G . -10.34 1.17 -2.54
O4 CIT G . -10.92 3.24 -2.89
C6 CIT G . -12.71 0.92 0.92
O5 CIT G . -12.69 -0.37 1.05
O6 CIT G . -12.65 1.67 1.87
#